data_9BNQ
#
_entry.id   9BNQ
#
_cell.length_a   67.818
_cell.length_b   67.818
_cell.length_c   148.031
_cell.angle_alpha   90.00
_cell.angle_beta   90.00
_cell.angle_gamma   90.00
#
_symmetry.space_group_name_H-M   'P 41 21 2'
#
loop_
_entity.id
_entity.type
_entity.pdbx_description
1 polymer 'Macrophage migration inhibitory factor'
2 non-polymer N-{[4-(methanesulfonamido)phenyl]methyl}methanethioamide
3 non-polymer 'SULFATE ION'
4 non-polymer 'ISOPROPYL ALCOHOL'
5 water water
#
_entity_poly.entity_id   1
_entity_poly.type   'polypeptide(L)'
_entity_poly.pdbx_seq_one_letter_code
;PMFIVNTNVPRASVPDGFLSELTQQLAQATGKPPQYIAVHVVPDQLMAFGGSSEPCALCSLHSIGKIGGAQNRSYSKLLC
GLLAERLRISPDRVYINYYDMNAANVGWNNSTFA
;
_entity_poly.pdbx_strand_id   A,B,C
#
# COMPACT_ATOMS: atom_id res chain seq x y z
N PRO A 1 -8.89 -12.71 -2.35
CA PRO A 1 -7.95 -12.33 -1.29
C PRO A 1 -6.70 -11.88 -1.93
N MET A 2 -6.20 -10.77 -1.40
N MET A 2 -6.18 -10.77 -1.38
CA MET A 2 -4.94 -10.19 -1.82
CA MET A 2 -4.94 -10.15 -1.83
C MET A 2 -4.06 -10.06 -0.59
C MET A 2 -4.04 -10.00 -0.61
N PHE A 3 -2.84 -10.56 -0.68
CA PHE A 3 -1.90 -10.50 0.43
C PHE A 3 -0.64 -9.79 -0.03
N ILE A 4 -0.25 -8.76 0.71
CA ILE A 4 0.95 -7.97 0.44
C ILE A 4 1.86 -8.04 1.66
N VAL A 5 3.15 -8.28 1.45
N VAL A 5 3.13 -8.34 1.42
CA VAL A 5 4.11 -8.20 2.54
CA VAL A 5 4.19 -8.28 2.41
C VAL A 5 5.27 -7.31 2.12
C VAL A 5 5.19 -7.23 1.98
N ASN A 6 5.51 -6.25 2.89
N ASN A 6 5.52 -6.33 2.91
CA ASN A 6 6.66 -5.38 2.71
CA ASN A 6 6.63 -5.40 2.78
C ASN A 6 7.65 -5.70 3.84
C ASN A 6 7.64 -5.74 3.86
N THR A 7 8.90 -5.91 3.48
CA THR A 7 9.90 -6.32 4.44
C THR A 7 11.26 -5.73 4.10
N ASN A 8 12.07 -5.57 5.13
CA ASN A 8 13.45 -5.14 4.97
C ASN A 8 14.42 -6.30 4.72
N VAL A 9 13.93 -7.53 4.71
N VAL A 9 13.98 -7.54 4.75
CA VAL A 9 14.76 -8.70 4.38
CA VAL A 9 14.92 -8.61 4.45
C VAL A 9 15.23 -8.57 2.93
C VAL A 9 15.26 -8.54 2.96
N PRO A 10 16.45 -8.97 2.58
CA PRO A 10 16.89 -8.82 1.19
C PRO A 10 16.19 -9.78 0.24
N ARG A 11 16.16 -9.39 -1.04
CA ARG A 11 15.52 -10.21 -2.06
C ARG A 11 16.10 -11.62 -2.07
N ALA A 12 17.42 -11.75 -1.91
CA ALA A 12 18.06 -13.05 -2.02
C ALA A 12 17.59 -14.02 -0.94
N SER A 13 16.97 -13.50 0.13
N SER A 13 17.00 -13.52 0.14
CA SER A 13 16.48 -14.32 1.22
CA SER A 13 16.51 -14.39 1.19
C SER A 13 15.04 -14.77 1.02
C SER A 13 15.10 -14.91 0.93
N VAL A 14 14.39 -14.35 -0.06
CA VAL A 14 13.06 -14.83 -0.40
C VAL A 14 13.22 -16.14 -1.18
N PRO A 15 12.72 -17.26 -0.69
CA PRO A 15 12.99 -18.53 -1.38
C PRO A 15 12.19 -18.68 -2.67
N ASP A 16 12.78 -19.39 -3.62
CA ASP A 16 12.04 -19.86 -4.78
C ASP A 16 10.81 -20.63 -4.30
N GLY A 17 9.66 -20.34 -4.91
CA GLY A 17 8.43 -20.99 -4.55
C GLY A 17 7.60 -20.26 -3.53
N PHE A 18 8.10 -19.16 -2.98
CA PHE A 18 7.39 -18.47 -1.90
C PHE A 18 6.02 -17.94 -2.34
N LEU A 19 5.94 -17.32 -3.52
N LEU A 19 5.93 -17.35 -3.54
CA LEU A 19 4.65 -16.81 -3.98
CA LEU A 19 4.65 -16.81 -3.98
C LEU A 19 3.66 -17.95 -4.19
C LEU A 19 3.65 -17.92 -4.24
N SER A 20 4.13 -19.06 -4.76
CA SER A 20 3.27 -20.23 -4.92
C SER A 20 2.80 -20.76 -3.58
N GLU A 21 3.70 -20.84 -2.59
CA GLU A 21 3.28 -21.30 -1.27
C GLU A 21 2.22 -20.36 -0.69
N LEU A 22 2.47 -19.05 -0.74
CA LEU A 22 1.49 -18.12 -0.19
C LEU A 22 0.14 -18.31 -0.86
N THR A 23 0.13 -18.48 -2.19
CA THR A 23 -1.14 -18.69 -2.90
C THR A 23 -1.86 -19.92 -2.37
N GLN A 24 -1.13 -21.03 -2.26
CA GLN A 24 -1.75 -22.28 -1.84
C GLN A 24 -2.21 -22.23 -0.39
N GLN A 25 -1.38 -21.65 0.48
CA GLN A 25 -1.76 -21.58 1.89
C GLN A 25 -2.98 -20.69 2.08
N LEU A 26 -3.03 -19.56 1.36
CA LEU A 26 -4.19 -18.69 1.48
C LEU A 26 -5.44 -19.28 0.89
N ALA A 27 -5.32 -20.05 -0.20
CA ALA A 27 -6.49 -20.73 -0.75
C ALA A 27 -7.09 -21.66 0.28
N GLN A 28 -6.24 -22.43 0.95
CA GLN A 28 -6.73 -23.32 1.98
C GLN A 28 -7.30 -22.56 3.17
N ALA A 29 -6.65 -21.47 3.58
CA ALA A 29 -7.10 -20.73 4.77
C ALA A 29 -8.43 -20.04 4.56
N THR A 30 -8.69 -19.53 3.34
CA THR A 30 -9.91 -18.81 3.03
C THR A 30 -10.98 -19.69 2.40
N GLY A 31 -10.64 -20.91 2.01
CA GLY A 31 -11.59 -21.80 1.36
C GLY A 31 -11.96 -21.37 -0.04
N LYS A 32 -11.06 -20.70 -0.73
CA LYS A 32 -11.35 -20.17 -2.05
C LYS A 32 -10.43 -20.80 -3.08
N PRO A 33 -10.86 -20.89 -4.33
CA PRO A 33 -10.01 -21.46 -5.35
C PRO A 33 -8.78 -20.61 -5.56
N PRO A 34 -7.64 -21.24 -5.87
CA PRO A 34 -6.39 -20.47 -6.02
C PRO A 34 -6.45 -19.46 -7.15
N GLN A 35 -7.33 -19.64 -8.13
CA GLN A 35 -7.48 -18.67 -9.21
C GLN A 35 -7.86 -17.29 -8.70
N TYR A 36 -8.43 -17.19 -7.50
CA TYR A 36 -8.86 -15.92 -6.95
C TYR A 36 -7.80 -15.19 -6.13
N ILE A 37 -6.67 -15.82 -5.84
CA ILE A 37 -5.75 -15.31 -4.84
C ILE A 37 -4.62 -14.55 -5.53
N ALA A 38 -4.30 -13.36 -5.02
CA ALA A 38 -3.19 -12.57 -5.50
C ALA A 38 -2.23 -12.30 -4.34
N VAL A 39 -0.94 -12.34 -4.67
N VAL A 39 -0.94 -12.39 -4.65
CA VAL A 39 0.12 -12.21 -3.69
CA VAL A 39 0.10 -12.20 -3.64
C VAL A 39 1.15 -11.21 -4.21
C VAL A 39 1.21 -11.30 -4.18
N HIS A 40 1.80 -10.52 -3.28
CA HIS A 40 2.79 -9.50 -3.64
C HIS A 40 3.78 -9.42 -2.49
N VAL A 41 5.05 -9.63 -2.80
CA VAL A 41 6.12 -9.61 -1.81
C VAL A 41 7.13 -8.54 -2.20
N VAL A 42 7.46 -7.66 -1.26
CA VAL A 42 8.30 -6.49 -1.52
C VAL A 42 9.48 -6.51 -0.54
N PRO A 43 10.63 -7.01 -0.97
CA PRO A 43 11.81 -7.07 -0.09
C PRO A 43 12.64 -5.80 -0.20
N ASP A 44 13.73 -5.77 0.56
CA ASP A 44 14.73 -4.70 0.49
C ASP A 44 14.20 -3.33 0.88
N GLN A 45 13.18 -3.29 1.72
CA GLN A 45 12.55 -2.02 2.07
C GLN A 45 13.25 -1.31 3.22
N LEU A 46 13.14 0.01 3.20
N LEU A 46 13.18 0.03 3.18
CA LEU A 46 13.65 0.88 4.25
CA LEU A 46 13.64 0.88 4.26
C LEU A 46 12.56 0.99 5.32
C LEU A 46 12.53 0.94 5.31
N MET A 47 12.74 0.25 6.42
CA MET A 47 11.73 0.11 7.43
C MET A 47 12.32 0.09 8.81
N ALA A 48 11.50 0.50 9.77
CA ALA A 48 11.81 0.34 11.18
C ALA A 48 10.57 -0.13 11.90
N PHE A 49 10.78 -0.95 12.93
CA PHE A 49 9.72 -1.49 13.75
C PHE A 49 10.18 -1.32 15.18
N GLY A 50 9.44 -0.52 15.96
CA GLY A 50 9.85 -0.24 17.31
C GLY A 50 11.17 0.50 17.40
N GLY A 51 11.52 1.28 16.36
CA GLY A 51 12.76 2.02 16.33
C GLY A 51 13.97 1.24 15.90
N SER A 52 13.81 -0.04 15.54
CA SER A 52 14.91 -0.91 15.19
C SER A 52 14.77 -1.38 13.75
N SER A 53 15.91 -1.60 13.09
N SER A 53 15.92 -1.61 13.09
CA SER A 53 15.95 -2.06 11.70
CA SER A 53 15.96 -2.06 11.71
C SER A 53 16.26 -3.56 11.59
C SER A 53 16.24 -3.56 11.59
N GLU A 54 16.10 -4.32 12.67
CA GLU A 54 16.17 -5.77 12.55
C GLU A 54 15.03 -6.26 11.64
N PRO A 55 15.09 -7.49 11.14
CA PRO A 55 14.05 -7.95 10.21
C PRO A 55 12.65 -7.73 10.74
N CYS A 56 11.79 -7.21 9.86
CA CYS A 56 10.40 -6.91 10.22
C CYS A 56 9.54 -6.99 8.97
N ALA A 57 8.23 -6.92 9.17
CA ALA A 57 7.33 -6.90 8.03
C ALA A 57 6.06 -6.13 8.37
N LEU A 58 5.53 -5.45 7.36
CA LEU A 58 4.22 -4.83 7.40
C LEU A 58 3.43 -5.45 6.25
N CYS A 59 2.27 -6.00 6.57
CA CYS A 59 1.49 -6.76 5.64
C CYS A 59 0.04 -6.32 5.64
N SER A 60 -0.65 -6.66 4.55
N SER A 60 -0.66 -6.70 4.56
CA SER A 60 -2.09 -6.48 4.51
CA SER A 60 -2.08 -6.45 4.41
C SER A 60 -2.72 -7.69 3.84
C SER A 60 -2.75 -7.67 3.79
N LEU A 61 -3.93 -8.01 4.30
CA LEU A 61 -4.77 -9.03 3.71
C LEU A 61 -6.12 -8.38 3.45
N HIS A 62 -6.48 -8.26 2.17
CA HIS A 62 -7.79 -7.78 1.76
C HIS A 62 -8.60 -8.96 1.27
N SER A 63 -9.89 -8.97 1.59
CA SER A 63 -10.78 -10.00 1.04
C SER A 63 -12.18 -9.44 1.03
N ILE A 64 -13.00 -9.94 0.11
CA ILE A 64 -14.44 -9.69 0.16
C ILE A 64 -15.00 -10.77 1.09
N GLY A 65 -15.29 -10.39 2.32
CA GLY A 65 -15.68 -11.36 3.32
C GLY A 65 -14.50 -12.20 3.79
N LYS A 66 -14.81 -13.14 4.67
CA LYS A 66 -13.82 -14.02 5.30
C LYS A 66 -12.84 -13.24 6.17
N ILE A 67 -13.25 -12.07 6.65
CA ILE A 67 -12.45 -11.24 7.55
C ILE A 67 -13.27 -11.02 8.81
N GLY A 68 -12.65 -11.20 9.97
CA GLY A 68 -13.39 -11.07 11.21
C GLY A 68 -12.54 -11.56 12.35
N GLY A 69 -13.07 -11.39 13.54
CA GLY A 69 -12.32 -11.67 14.74
C GLY A 69 -11.60 -13.00 14.73
N ALA A 70 -12.36 -14.09 14.72
CA ALA A 70 -11.75 -15.40 14.86
C ALA A 70 -10.89 -15.73 13.64
N GLN A 71 -11.39 -15.45 12.44
CA GLN A 71 -10.63 -15.75 11.24
C GLN A 71 -9.29 -15.03 11.25
N ASN A 72 -9.30 -13.77 11.69
CA ASN A 72 -8.08 -12.99 11.67
C ASN A 72 -7.05 -13.53 12.64
N ARG A 73 -7.47 -14.11 13.76
CA ARG A 73 -6.51 -14.73 14.66
C ARG A 73 -5.82 -15.90 13.98
N SER A 74 -6.59 -16.72 13.26
N SER A 74 -6.60 -16.72 13.27
CA SER A 74 -6.02 -17.86 12.57
CA SER A 74 -6.03 -17.86 12.57
C SER A 74 -5.09 -17.42 11.44
C SER A 74 -5.09 -17.42 11.46
N TYR A 75 -5.50 -16.42 10.67
CA TYR A 75 -4.64 -15.92 9.60
C TYR A 75 -3.33 -15.41 10.18
N SER A 76 -3.39 -14.76 11.34
CA SER A 76 -2.19 -14.16 11.90
C SER A 76 -1.17 -15.22 12.29
N LYS A 77 -1.63 -16.34 12.85
CA LYS A 77 -0.70 -17.43 13.16
C LYS A 77 -0.11 -18.01 11.88
N LEU A 78 -0.95 -18.24 10.86
CA LEU A 78 -0.46 -18.80 9.61
C LEU A 78 0.59 -17.88 8.98
N LEU A 79 0.27 -16.60 8.87
CA LEU A 79 1.12 -15.66 8.15
C LEU A 79 2.39 -15.36 8.94
N CYS A 80 2.29 -15.18 10.26
CA CYS A 80 3.51 -14.98 11.05
C CYS A 80 4.37 -16.25 10.95
N GLY A 81 3.75 -17.43 10.96
CA GLY A 81 4.53 -18.65 10.86
C GLY A 81 5.30 -18.74 9.56
N LEU A 82 4.66 -18.35 8.45
CA LEU A 82 5.35 -18.36 7.16
C LEU A 82 6.48 -17.35 7.13
N LEU A 83 6.25 -16.15 7.68
CA LEU A 83 7.31 -15.14 7.65
C LEU A 83 8.48 -15.54 8.55
N ALA A 84 8.19 -16.21 9.67
CA ALA A 84 9.24 -16.68 10.56
C ALA A 84 10.04 -17.80 9.90
N GLU A 85 9.35 -18.80 9.36
CA GLU A 85 10.05 -19.98 8.84
C GLU A 85 10.77 -19.68 7.53
N ARG A 86 10.15 -18.90 6.66
CA ARG A 86 10.68 -18.70 5.33
C ARG A 86 11.60 -17.49 5.22
N LEU A 87 11.34 -16.42 5.99
CA LEU A 87 12.12 -15.19 5.91
C LEU A 87 12.87 -14.85 7.20
N ARG A 88 12.75 -15.67 8.24
N ARG A 88 12.75 -15.67 8.24
CA ARG A 88 13.44 -15.46 9.51
CA ARG A 88 13.42 -15.46 9.52
C ARG A 88 13.04 -14.14 10.18
C ARG A 88 13.03 -14.15 10.20
N ILE A 89 11.77 -13.78 10.08
CA ILE A 89 11.24 -12.58 10.72
C ILE A 89 10.50 -13.00 12.00
N SER A 90 10.87 -12.42 13.13
N SER A 90 10.86 -12.40 13.12
CA SER A 90 10.20 -12.75 14.37
CA SER A 90 10.19 -12.70 14.37
C SER A 90 8.73 -12.31 14.34
C SER A 90 8.72 -12.31 14.30
N PRO A 91 7.80 -13.15 14.80
CA PRO A 91 6.39 -12.75 14.79
C PRO A 91 6.11 -11.45 15.53
N ASP A 92 6.91 -11.10 16.53
CA ASP A 92 6.67 -9.83 17.23
C ASP A 92 7.20 -8.62 16.48
N ARG A 93 7.72 -8.80 15.27
CA ARG A 93 8.12 -7.71 14.39
C ARG A 93 7.31 -7.72 13.09
N VAL A 94 6.07 -8.21 13.17
CA VAL A 94 5.13 -8.26 12.06
C VAL A 94 3.84 -7.59 12.46
N TYR A 95 3.35 -6.66 11.64
CA TYR A 95 1.97 -6.22 11.70
C TYR A 95 1.26 -6.63 10.42
N ILE A 96 0.01 -7.08 10.56
CA ILE A 96 -0.85 -7.43 9.43
C ILE A 96 -2.15 -6.68 9.59
N ASN A 97 -2.52 -5.89 8.61
CA ASN A 97 -3.83 -5.23 8.59
C ASN A 97 -4.80 -6.04 7.76
N TYR A 98 -5.97 -6.29 8.33
CA TYR A 98 -7.04 -7.05 7.68
C TYR A 98 -8.14 -6.11 7.22
N TYR A 99 -8.50 -6.23 5.94
CA TYR A 99 -9.49 -5.35 5.33
C TYR A 99 -10.61 -6.15 4.66
N ASP A 100 -11.83 -5.94 5.13
CA ASP A 100 -13.03 -6.55 4.55
C ASP A 100 -13.59 -5.59 3.51
N MET A 101 -13.51 -5.99 2.24
CA MET A 101 -13.97 -5.15 1.14
C MET A 101 -15.40 -5.52 0.77
N ASN A 102 -16.18 -4.51 0.38
CA ASN A 102 -17.46 -4.76 -0.27
C ASN A 102 -17.23 -5.18 -1.72
N ALA A 103 -18.06 -6.10 -2.22
CA ALA A 103 -17.92 -6.58 -3.58
C ALA A 103 -17.97 -5.46 -4.61
N ALA A 104 -18.80 -4.45 -4.38
CA ALA A 104 -18.90 -3.33 -5.32
C ALA A 104 -17.65 -2.47 -5.38
N ASN A 105 -16.77 -2.62 -4.40
CA ASN A 105 -15.53 -1.86 -4.29
C ASN A 105 -14.31 -2.65 -4.70
N VAL A 106 -14.48 -3.77 -5.41
CA VAL A 106 -13.35 -4.53 -5.94
C VAL A 106 -13.56 -4.70 -7.43
N GLY A 107 -12.68 -4.10 -8.23
CA GLY A 107 -12.70 -4.27 -9.66
C GLY A 107 -11.87 -5.45 -10.14
N TRP A 108 -12.31 -6.01 -11.25
CA TRP A 108 -11.69 -7.18 -11.87
C TRP A 108 -12.29 -7.30 -13.26
N ASN A 109 -11.46 -7.57 -14.26
CA ASN A 109 -11.96 -7.96 -15.57
C ASN A 109 -13.00 -6.98 -16.12
N ASN A 110 -12.66 -5.68 -16.09
CA ASN A 110 -13.44 -4.61 -16.69
C ASN A 110 -14.70 -4.25 -15.92
N SER A 111 -14.94 -4.84 -14.75
CA SER A 111 -16.14 -4.56 -13.99
C SER A 111 -15.80 -4.70 -12.51
N THR A 112 -16.78 -5.01 -11.66
CA THR A 112 -16.54 -5.26 -10.25
C THR A 112 -17.25 -6.56 -9.86
N PHE A 113 -17.02 -6.99 -8.63
CA PHE A 113 -17.63 -8.23 -8.15
C PHE A 113 -19.08 -8.05 -7.69
N ALA A 114 -19.63 -6.85 -7.69
CA ALA A 114 -21.01 -6.66 -7.25
C ALA A 114 -22.02 -7.39 -8.12
N PRO B 1 0.76 2.42 15.72
CA PRO B 1 0.80 3.30 14.55
C PRO B 1 1.76 2.78 13.50
N MET B 2 1.36 2.95 12.24
CA MET B 2 2.15 2.52 11.09
C MET B 2 2.13 3.67 10.11
N PHE B 3 3.30 4.18 9.74
CA PHE B 3 3.41 5.31 8.83
C PHE B 3 4.23 4.90 7.62
N ILE B 4 3.65 5.11 6.45
CA ILE B 4 4.25 4.76 5.18
C ILE B 4 4.34 6.02 4.32
N VAL B 5 5.51 6.24 3.71
CA VAL B 5 5.73 7.34 2.79
C VAL B 5 6.22 6.74 1.47
N ASN B 6 5.52 7.02 0.37
N ASN B 6 5.52 7.03 0.38
CA ASN B 6 6.00 6.71 -0.97
CA ASN B 6 5.95 6.74 -0.97
C ASN B 6 6.31 8.00 -1.69
C ASN B 6 6.34 8.06 -1.62
N THR B 7 7.53 8.11 -2.23
CA THR B 7 7.99 9.35 -2.82
C THR B 7 8.87 9.08 -4.03
N ASN B 8 8.88 10.05 -4.94
CA ASN B 8 9.78 10.03 -6.08
C ASN B 8 11.16 10.62 -5.78
N VAL B 9 11.38 11.12 -4.57
N VAL B 9 11.39 11.13 -4.58
CA VAL B 9 12.71 11.59 -4.16
CA VAL B 9 12.73 11.64 -4.29
C VAL B 9 13.66 10.41 -4.19
C VAL B 9 13.68 10.45 -4.16
N PRO B 10 14.91 10.58 -4.67
CA PRO B 10 15.81 9.42 -4.71
C PRO B 10 16.30 8.98 -3.34
N ARG B 11 16.70 7.71 -3.29
CA ARG B 11 17.14 7.12 -2.03
C ARG B 11 18.26 7.91 -1.40
N ALA B 12 19.19 8.43 -2.21
CA ALA B 12 20.34 9.14 -1.66
C ALA B 12 19.94 10.45 -0.98
N SER B 13 18.74 10.94 -1.27
N SER B 13 18.75 10.96 -1.26
CA SER B 13 18.21 12.17 -0.67
CA SER B 13 18.31 12.18 -0.59
C SER B 13 17.37 11.91 0.59
C SER B 13 17.68 11.89 0.77
N VAL B 14 17.24 10.67 1.02
CA VAL B 14 16.59 10.34 2.28
C VAL B 14 17.67 10.40 3.35
N PRO B 15 17.58 11.29 4.33
CA PRO B 15 18.71 11.43 5.27
C PRO B 15 18.81 10.24 6.22
N ASP B 16 20.05 9.89 6.55
CA ASP B 16 20.25 8.95 7.64
C ASP B 16 19.57 9.49 8.89
N GLY B 17 18.92 8.59 9.63
CA GLY B 17 18.18 8.96 10.80
C GLY B 17 16.73 9.31 10.56
N PHE B 18 16.28 9.34 9.30
CA PHE B 18 14.90 9.73 9.04
C PHE B 18 13.89 8.78 9.66
N LEU B 19 14.14 7.46 9.57
N LEU B 19 14.13 7.46 9.56
CA LEU B 19 13.20 6.51 10.17
CA LEU B 19 13.19 6.51 10.13
C LEU B 19 13.14 6.68 11.68
C LEU B 19 13.12 6.64 11.65
N SER B 20 14.29 6.89 12.31
N SER B 20 14.27 6.90 12.28
CA SER B 20 14.31 7.12 13.75
CA SER B 20 14.27 7.10 13.73
C SER B 20 13.57 8.40 14.12
C SER B 20 13.55 8.38 14.11
N GLU B 21 13.77 9.45 13.33
CA GLU B 21 13.07 10.71 13.61
C GLU B 21 11.56 10.54 13.47
N LEU B 22 11.11 9.87 12.41
CA LEU B 22 9.67 9.62 12.25
C LEU B 22 9.13 8.84 13.44
N THR B 23 9.86 7.82 13.89
CA THR B 23 9.41 7.02 15.01
C THR B 23 9.23 7.88 16.25
N GLN B 24 10.23 8.71 16.55
CA GLN B 24 10.18 9.50 17.77
C GLN B 24 9.09 10.56 17.69
N GLN B 25 8.97 11.21 16.52
CA GLN B 25 7.96 12.25 16.37
C GLN B 25 6.55 11.66 16.43
N LEU B 26 6.36 10.48 15.86
CA LEU B 26 5.04 9.84 15.91
C LEU B 26 4.71 9.37 17.32
N ALA B 27 5.72 8.93 18.07
CA ALA B 27 5.48 8.57 19.47
C ALA B 27 4.97 9.77 20.25
N GLN B 28 5.61 10.93 20.07
CA GLN B 28 5.14 12.14 20.75
C GLN B 28 3.74 12.51 20.31
N ALA B 29 3.46 12.40 19.01
CA ALA B 29 2.20 12.91 18.47
C ALA B 29 1.03 11.98 18.79
N THR B 30 1.25 10.67 18.77
CA THR B 30 0.17 9.73 19.04
C THR B 30 0.06 9.34 20.50
N GLY B 31 1.09 9.60 21.30
CA GLY B 31 1.14 9.14 22.66
C GLY B 31 1.47 7.66 22.83
N LYS B 32 1.78 6.94 21.74
CA LYS B 32 2.14 5.54 21.88
C LYS B 32 3.66 5.40 22.01
N PRO B 33 4.15 4.45 22.82
CA PRO B 33 5.60 4.27 22.93
C PRO B 33 6.21 3.87 21.63
N PRO B 34 7.49 4.21 21.40
CA PRO B 34 8.14 3.87 20.12
C PRO B 34 8.09 2.39 19.81
N GLN B 35 8.09 1.53 20.83
CA GLN B 35 8.01 0.08 20.62
C GLN B 35 6.82 -0.32 19.77
N TYR B 36 5.77 0.49 19.76
CA TYR B 36 4.54 0.16 19.05
C TYR B 36 4.50 0.69 17.63
N ILE B 37 5.49 1.46 17.20
CA ILE B 37 5.41 2.24 15.98
C ILE B 37 6.24 1.59 14.88
N ALA B 38 5.67 1.50 13.69
CA ALA B 38 6.38 1.02 12.51
C ALA B 38 6.40 2.12 11.45
N VAL B 39 7.52 2.25 10.75
N VAL B 39 7.52 2.21 10.75
CA VAL B 39 7.67 3.27 9.72
CA VAL B 39 7.73 3.23 9.73
C VAL B 39 8.36 2.66 8.49
C VAL B 39 8.28 2.55 8.48
N HIS B 40 7.91 3.09 7.32
CA HIS B 40 8.32 2.51 6.04
C HIS B 40 8.42 3.64 5.04
N VAL B 41 9.59 3.82 4.45
CA VAL B 41 9.84 4.89 3.49
C VAL B 41 10.26 4.26 2.17
N VAL B 42 9.60 4.66 1.09
CA VAL B 42 9.78 4.06 -0.23
C VAL B 42 10.18 5.16 -1.21
N PRO B 43 11.48 5.32 -1.47
CA PRO B 43 11.95 6.34 -2.40
C PRO B 43 12.00 5.83 -3.84
N ASP B 44 12.43 6.71 -4.74
CA ASP B 44 12.69 6.35 -6.14
C ASP B 44 11.45 5.92 -6.90
N GLN B 45 10.27 6.35 -6.47
CA GLN B 45 9.04 5.88 -7.08
C GLN B 45 8.67 6.68 -8.33
N LEU B 46 8.00 5.99 -9.27
N LEU B 46 7.92 6.03 -9.22
CA LEU B 46 7.40 6.63 -10.43
CA LEU B 46 7.41 6.63 -10.44
C LEU B 46 6.06 7.22 -10.01
C LEU B 46 6.04 7.22 -10.11
N MET B 47 6.00 8.53 -9.91
CA MET B 47 4.81 9.20 -9.40
C MET B 47 4.55 10.50 -10.13
N ALA B 48 3.29 10.92 -10.12
CA ALA B 48 2.92 12.25 -10.53
C ALA B 48 1.87 12.77 -9.56
N PHE B 49 1.85 14.09 -9.41
CA PHE B 49 0.91 14.77 -8.52
C PHE B 49 0.48 15.99 -9.31
N GLY B 50 -0.82 16.08 -9.60
CA GLY B 50 -1.31 17.15 -10.44
C GLY B 50 -0.73 17.12 -11.84
N GLY B 51 -0.32 15.95 -12.31
CA GLY B 51 0.23 15.82 -13.63
C GLY B 51 1.71 16.12 -13.74
N SER B 52 2.38 16.46 -12.64
CA SER B 52 3.78 16.83 -12.62
C SER B 52 4.59 15.82 -11.80
N SER B 53 5.84 15.64 -12.21
N SER B 53 5.84 15.63 -12.18
CA SER B 53 6.75 14.70 -11.57
CA SER B 53 6.70 14.68 -11.48
C SER B 53 7.77 15.37 -10.65
C SER B 53 7.79 15.37 -10.66
N GLU B 54 7.56 16.64 -10.29
CA GLU B 54 8.36 17.27 -9.26
C GLU B 54 8.21 16.48 -7.95
N PRO B 55 9.10 16.66 -6.99
CA PRO B 55 9.00 15.87 -5.74
C PRO B 55 7.60 15.90 -5.15
N CYS B 56 7.13 14.72 -4.74
CA CYS B 56 5.82 14.57 -4.14
C CYS B 56 5.84 13.37 -3.21
N ALA B 57 4.79 13.22 -2.42
CA ALA B 57 4.66 12.06 -1.55
C ALA B 57 3.20 11.67 -1.40
N LEU B 58 2.97 10.36 -1.34
CA LEU B 58 1.69 9.78 -0.95
C LEU B 58 1.97 8.95 0.30
N CYS B 59 1.25 9.24 1.38
CA CYS B 59 1.54 8.64 2.66
C CYS B 59 0.27 8.08 3.27
N SER B 60 0.46 7.19 4.24
N SER B 60 0.48 7.19 4.24
CA SER B 60 -0.66 6.70 5.02
CA SER B 60 -0.61 6.62 5.03
C SER B 60 -0.24 6.52 6.46
C SER B 60 -0.18 6.60 6.48
N LEU B 61 -1.14 6.89 7.37
CA LEU B 61 -0.97 6.69 8.80
C LEU B 61 -2.12 5.81 9.24
N HIS B 62 -1.82 4.59 9.65
CA HIS B 62 -2.75 3.67 10.27
C HIS B 62 -2.52 3.72 11.77
N SER B 63 -3.59 3.65 12.53
CA SER B 63 -3.44 3.64 13.97
C SER B 63 -4.67 3.01 14.59
N ILE B 64 -4.45 2.26 15.68
CA ILE B 64 -5.56 1.78 16.50
C ILE B 64 -5.94 2.95 17.40
N GLY B 65 -6.97 3.69 17.02
CA GLY B 65 -7.33 4.92 17.70
C GLY B 65 -6.37 6.05 17.34
N LYS B 66 -6.58 7.18 18.02
CA LYS B 66 -5.78 8.39 17.84
C LYS B 66 -5.95 9.00 16.45
N ILE B 67 -7.09 8.75 15.82
CA ILE B 67 -7.43 9.29 14.50
C ILE B 67 -8.73 10.06 14.64
N GLY B 68 -8.80 11.25 14.06
CA GLY B 68 -10.02 12.04 14.12
C GLY B 68 -9.79 13.38 13.48
N GLY B 69 -10.85 14.17 13.42
CA GLY B 69 -10.78 15.42 12.68
C GLY B 69 -9.65 16.34 13.09
N ALA B 70 -9.62 16.68 14.38
CA ALA B 70 -8.60 17.60 14.87
C ALA B 70 -7.23 16.94 14.93
N GLN B 71 -7.17 15.69 15.35
CA GLN B 71 -5.88 15.01 15.40
C GLN B 71 -5.25 14.94 14.01
N ASN B 72 -6.06 14.64 12.99
CA ASN B 72 -5.53 14.47 11.65
C ASN B 72 -4.97 15.80 11.12
N ARG B 73 -5.62 16.92 11.44
CA ARG B 73 -5.08 18.21 11.03
C ARG B 73 -3.72 18.46 11.69
N SER B 74 -3.58 18.07 12.96
N SER B 74 -3.58 18.08 12.97
CA SER B 74 -2.29 18.22 13.64
CA SER B 74 -2.29 18.22 13.65
C SER B 74 -1.24 17.31 13.04
C SER B 74 -1.24 17.32 13.02
N TYR B 75 -1.59 16.05 12.76
CA TYR B 75 -0.64 15.15 12.12
C TYR B 75 -0.18 15.70 10.77
N SER B 76 -1.09 16.32 10.02
CA SER B 76 -0.73 16.79 8.70
C SER B 76 0.30 17.91 8.77
N LYS B 77 0.17 18.79 9.77
CA LYS B 77 1.18 19.82 9.95
C LYS B 77 2.52 19.22 10.35
N LEU B 78 2.50 18.25 11.26
CA LEU B 78 3.73 17.60 11.69
C LEU B 78 4.42 16.93 10.51
N LEU B 79 3.67 16.14 9.75
CA LEU B 79 4.25 15.30 8.72
C LEU B 79 4.62 16.12 7.49
N CYS B 80 3.82 17.13 7.13
CA CYS B 80 4.19 17.95 5.98
C CYS B 80 5.47 18.72 6.35
N GLY B 81 5.60 19.17 7.62
CA GLY B 81 6.80 19.85 8.05
C GLY B 81 8.04 18.97 7.93
N LEU B 82 7.93 17.71 8.33
CA LEU B 82 9.06 16.78 8.22
C LEU B 82 9.39 16.48 6.77
N LEU B 83 8.38 16.24 5.94
CA LEU B 83 8.66 15.93 4.54
C LEU B 83 9.28 17.13 3.83
N ALA B 84 8.82 18.34 4.17
CA ALA B 84 9.37 19.55 3.57
C ALA B 84 10.83 19.71 3.96
N GLU B 85 11.14 19.59 5.24
CA GLU B 85 12.49 19.83 5.71
C GLU B 85 13.44 18.71 5.29
N ARG B 86 13.03 17.46 5.43
CA ARG B 86 13.95 16.35 5.22
C ARG B 86 14.04 15.89 3.78
N LEU B 87 12.94 15.92 3.03
CA LEU B 87 12.91 15.45 1.66
C LEU B 87 12.74 16.57 0.64
N ARG B 88 12.57 17.82 1.09
CA ARG B 88 12.44 18.98 0.21
C ARG B 88 11.21 18.87 -0.68
N ILE B 89 10.13 18.29 -0.16
CA ILE B 89 8.87 18.18 -0.87
C ILE B 89 7.96 19.34 -0.49
N SER B 90 7.40 20.00 -1.50
N SER B 90 7.39 20.00 -1.49
CA SER B 90 6.43 21.06 -1.25
CA SER B 90 6.44 21.07 -1.24
C SER B 90 5.21 20.48 -0.56
C SER B 90 5.19 20.49 -0.56
N PRO B 91 4.67 21.15 0.47
CA PRO B 91 3.53 20.56 1.22
C PRO B 91 2.26 20.44 0.41
N ASP B 92 2.14 21.22 -0.67
CA ASP B 92 1.00 21.06 -1.56
C ASP B 92 1.15 19.89 -2.52
N ARG B 93 2.22 19.10 -2.38
CA ARG B 93 2.44 17.88 -3.16
C ARG B 93 2.53 16.67 -2.26
N VAL B 94 1.81 16.72 -1.13
CA VAL B 94 1.71 15.62 -0.17
C VAL B 94 0.25 15.31 0.07
N TYR B 95 -0.14 14.04 -0.09
CA TYR B 95 -1.39 13.55 0.45
C TYR B 95 -1.09 12.52 1.52
N ILE B 96 -1.88 12.54 2.60
CA ILE B 96 -1.76 11.57 3.70
C ILE B 96 -3.15 10.99 3.96
N ASN B 97 -3.30 9.68 3.84
CA ASN B 97 -4.54 9.03 4.21
C ASN B 97 -4.45 8.54 5.66
N TYR B 98 -5.49 8.82 6.44
CA TYR B 98 -5.57 8.42 7.85
C TYR B 98 -6.57 7.30 8.01
N TYR B 99 -6.14 6.22 8.66
CA TYR B 99 -6.96 5.03 8.85
C TYR B 99 -7.01 4.64 10.32
N ASP B 100 -8.21 4.65 10.88
CA ASP B 100 -8.45 4.20 12.25
C ASP B 100 -8.76 2.70 12.19
N MET B 101 -7.84 1.87 12.67
N MET B 101 -7.88 1.89 12.73
CA MET B 101 -7.98 0.43 12.62
CA MET B 101 -8.01 0.45 12.63
C MET B 101 -8.66 -0.10 13.88
C MET B 101 -8.64 -0.13 13.89
N ASN B 102 -9.56 -1.07 13.68
CA ASN B 102 -10.07 -1.85 14.80
C ASN B 102 -9.00 -2.84 15.24
N ALA B 103 -8.82 -2.96 16.56
CA ALA B 103 -7.79 -3.85 17.08
C ALA B 103 -7.97 -5.29 16.63
N ALA B 104 -9.21 -5.73 16.38
CA ALA B 104 -9.44 -7.09 15.92
C ALA B 104 -9.01 -7.30 14.47
N ASN B 105 -8.72 -6.22 13.76
CA ASN B 105 -8.25 -6.24 12.38
C ASN B 105 -6.76 -5.95 12.25
N VAL B 106 -6.01 -6.05 13.34
CA VAL B 106 -4.56 -5.90 13.31
C VAL B 106 -3.92 -7.13 13.92
N GLY B 107 -3.18 -7.86 13.08
CA GLY B 107 -2.41 -9.00 13.52
C GLY B 107 -1.01 -8.61 13.92
N TRP B 108 -0.46 -9.35 14.88
CA TRP B 108 0.87 -9.14 15.43
C TRP B 108 1.19 -10.36 16.28
N ASN B 109 2.38 -10.92 16.16
CA ASN B 109 2.84 -11.93 17.10
C ASN B 109 1.80 -13.03 17.28
N ASN B 110 1.42 -13.64 16.17
CA ASN B 110 0.64 -14.85 16.09
C ASN B 110 -0.85 -14.71 16.41
N SER B 111 -1.36 -13.52 16.67
CA SER B 111 -2.80 -13.34 16.90
C SER B 111 -3.14 -11.89 16.59
N THR B 112 -4.29 -11.42 17.07
CA THR B 112 -4.71 -10.04 16.88
C THR B 112 -4.69 -9.30 18.22
N PHE B 113 -4.98 -8.00 18.17
CA PHE B 113 -4.98 -7.18 19.38
C PHE B 113 -6.31 -7.16 20.09
N ALA B 114 -7.36 -7.73 19.51
CA ALA B 114 -8.62 -7.88 20.22
C ALA B 114 -9.43 -9.02 19.60
N PRO C 1 -8.35 12.34 -5.95
CA PRO C 1 -8.19 10.93 -6.32
C PRO C 1 -6.72 10.54 -6.33
N MET C 2 -6.44 9.32 -5.90
CA MET C 2 -5.09 8.76 -5.83
C MET C 2 -5.17 7.37 -6.41
N PHE C 3 -4.38 7.10 -7.44
CA PHE C 3 -4.40 5.82 -8.11
C PHE C 3 -3.01 5.19 -8.06
N ILE C 4 -2.94 3.96 -7.56
CA ILE C 4 -1.69 3.23 -7.44
C ILE C 4 -1.83 1.93 -8.22
N VAL C 5 -0.82 1.61 -9.03
CA VAL C 5 -0.74 0.32 -9.71
C VAL C 5 0.58 -0.35 -9.34
N ASN C 6 0.49 -1.57 -8.82
N ASN C 6 0.48 -1.56 -8.83
CA ASN C 6 1.64 -2.43 -8.60
CA ASN C 6 1.60 -2.45 -8.60
C ASN C 6 1.58 -3.58 -9.59
C ASN C 6 1.55 -3.55 -9.65
N THR C 7 2.68 -3.80 -10.31
CA THR C 7 2.71 -4.79 -11.37
C THR C 7 4.07 -5.46 -11.47
N ASN C 8 4.05 -6.68 -11.99
CA ASN C 8 5.28 -7.42 -12.27
C ASN C 8 5.87 -7.13 -13.64
N VAL C 9 5.23 -6.30 -14.45
N VAL C 9 5.23 -6.33 -14.48
CA VAL C 9 5.76 -5.88 -15.75
CA VAL C 9 5.84 -6.05 -15.78
C VAL C 9 7.09 -5.17 -15.54
C VAL C 9 7.06 -5.17 -15.59
N PRO C 10 8.06 -5.27 -16.46
CA PRO C 10 9.30 -4.52 -16.27
C PRO C 10 9.14 -3.03 -16.47
N ARG C 11 10.00 -2.27 -15.80
CA ARG C 11 9.96 -0.82 -15.91
C ARG C 11 10.09 -0.38 -17.37
N ALA C 12 10.95 -1.06 -18.14
CA ALA C 12 11.17 -0.64 -19.51
C ALA C 12 9.93 -0.79 -20.38
N SER C 13 8.95 -1.56 -19.91
N SER C 13 8.95 -1.57 -19.94
CA SER C 13 7.71 -1.81 -20.63
CA SER C 13 7.74 -1.73 -20.74
C SER C 13 6.60 -0.81 -20.28
C SER C 13 6.70 -0.65 -20.47
N VAL C 14 6.89 0.20 -19.45
CA VAL C 14 5.94 1.26 -19.15
C VAL C 14 6.15 2.36 -20.21
N PRO C 15 5.16 2.67 -21.03
CA PRO C 15 5.43 3.62 -22.12
C PRO C 15 5.54 5.05 -21.62
N ASP C 16 6.31 5.84 -22.37
CA ASP C 16 6.36 7.28 -22.13
C ASP C 16 4.94 7.82 -22.15
N GLY C 17 4.64 8.70 -21.20
CA GLY C 17 3.34 9.33 -21.12
C GLY C 17 2.33 8.62 -20.25
N PHE C 18 2.67 7.44 -19.71
CA PHE C 18 1.68 6.63 -19.01
C PHE C 18 1.12 7.34 -17.77
N LEU C 19 1.99 7.93 -16.93
N LEU C 19 1.97 7.96 -16.97
CA LEU C 19 1.49 8.65 -15.76
CA LEU C 19 1.44 8.62 -15.77
C LEU C 19 0.56 9.77 -16.20
C LEU C 19 0.63 9.85 -16.12
N SER C 20 0.94 10.49 -17.26
CA SER C 20 0.11 11.57 -17.74
C SER C 20 -1.24 11.06 -18.24
N GLU C 21 -1.24 9.90 -18.91
CA GLU C 21 -2.49 9.33 -19.41
C GLU C 21 -3.42 8.95 -18.27
N LEU C 22 -2.85 8.30 -17.24
CA LEU C 22 -3.65 7.97 -16.07
C LEU C 22 -4.25 9.23 -15.46
N THR C 23 -3.44 10.29 -15.33
CA THR C 23 -3.92 11.53 -14.75
C THR C 23 -5.08 12.09 -15.57
N GLN C 24 -4.88 12.19 -16.87
CA GLN C 24 -5.90 12.75 -17.75
C GLN C 24 -7.19 11.95 -17.72
N GLN C 25 -7.09 10.65 -17.84
CA GLN C 25 -8.27 9.81 -17.90
C GLN C 25 -8.99 9.73 -16.56
N LEU C 26 -8.25 9.78 -15.45
CA LEU C 26 -8.90 9.83 -14.14
C LEU C 26 -9.59 11.16 -13.91
N ALA C 27 -9.01 12.27 -14.39
CA ALA C 27 -9.70 13.55 -14.32
C ALA C 27 -11.01 13.49 -15.08
N GLN C 28 -10.97 12.94 -16.29
CA GLN C 28 -12.18 12.81 -17.08
C GLN C 28 -13.23 11.94 -16.39
N ALA C 29 -12.81 10.82 -15.80
CA ALA C 29 -13.74 9.85 -15.23
C ALA C 29 -14.31 10.31 -13.89
N THR C 30 -13.50 10.92 -13.04
CA THR C 30 -13.95 11.34 -11.72
C THR C 30 -14.55 12.73 -11.73
N GLY C 31 -14.28 13.52 -12.77
CA GLY C 31 -14.68 14.91 -12.81
C GLY C 31 -13.81 15.85 -11.99
N LYS C 32 -12.78 15.35 -11.33
CA LYS C 32 -11.90 16.23 -10.58
C LYS C 32 -10.83 16.81 -11.50
N PRO C 33 -10.43 18.07 -11.30
CA PRO C 33 -9.38 18.63 -12.13
C PRO C 33 -8.09 17.84 -12.00
N PRO C 34 -7.27 17.84 -13.04
CA PRO C 34 -6.00 17.10 -12.96
C PRO C 34 -5.11 17.54 -11.80
N GLN C 35 -5.20 18.80 -11.38
CA GLN C 35 -4.40 19.28 -10.25
C GLN C 35 -4.67 18.49 -8.97
N TYR C 36 -5.82 17.84 -8.84
CA TYR C 36 -6.21 17.11 -7.64
C TYR C 36 -5.78 15.66 -7.65
N ILE C 37 -5.21 15.17 -8.76
CA ILE C 37 -5.02 13.73 -8.97
C ILE C 37 -3.57 13.34 -8.78
N ALA C 38 -3.35 12.28 -8.02
CA ALA C 38 -2.03 11.71 -7.84
C ALA C 38 -2.02 10.28 -8.39
N VAL C 39 -0.92 9.90 -9.03
CA VAL C 39 -0.76 8.59 -9.63
C VAL C 39 0.61 8.03 -9.27
N HIS C 40 0.67 6.71 -9.12
CA HIS C 40 1.87 6.03 -8.65
C HIS C 40 1.89 4.67 -9.33
N VAL C 41 2.96 4.38 -10.08
CA VAL C 41 3.11 3.13 -10.81
C VAL C 41 4.35 2.43 -10.31
N VAL C 42 4.22 1.15 -9.97
CA VAL C 42 5.28 0.38 -9.34
C VAL C 42 5.54 -0.86 -10.17
N PRO C 43 6.50 -0.85 -11.07
CA PRO C 43 6.80 -2.02 -11.89
C PRO C 43 7.80 -2.96 -11.22
N ASP C 44 8.10 -4.06 -11.90
CA ASP C 44 9.17 -4.98 -11.50
C ASP C 44 8.88 -5.68 -10.18
N GLN C 45 7.61 -5.83 -9.81
CA GLN C 45 7.27 -6.40 -8.52
C GLN C 45 7.23 -7.91 -8.57
N LEU C 46 7.45 -8.52 -7.40
N LEU C 46 7.51 -8.51 -7.41
CA LEU C 46 7.36 -9.97 -7.20
CA LEU C 46 7.35 -9.95 -7.21
C LEU C 46 5.92 -10.30 -6.83
C LEU C 46 5.89 -10.20 -6.87
N MET C 47 5.14 -10.72 -7.82
CA MET C 47 3.71 -10.90 -7.66
C MET C 47 3.23 -12.15 -8.36
N ALA C 48 2.11 -12.65 -7.90
CA ALA C 48 1.41 -13.74 -8.57
C ALA C 48 -0.07 -13.46 -8.47
N PHE C 49 -0.80 -13.93 -9.47
CA PHE C 49 -2.25 -13.79 -9.55
C PHE C 49 -2.76 -15.15 -10.00
N GLY C 50 -3.61 -15.76 -9.19
CA GLY C 50 -4.09 -17.09 -9.50
C GLY C 50 -3.01 -18.15 -9.54
N GLY C 51 -1.89 -17.94 -8.84
CA GLY C 51 -0.81 -18.88 -8.81
C GLY C 51 0.15 -18.77 -9.99
N SER C 52 -0.05 -17.79 -10.86
CA SER C 52 0.78 -17.60 -12.03
C SER C 52 1.50 -16.27 -11.92
N SER C 53 2.77 -16.24 -12.35
N SER C 53 2.76 -16.24 -12.35
CA SER C 53 3.54 -15.02 -12.40
CA SER C 53 3.53 -15.01 -12.39
C SER C 53 3.49 -14.35 -13.77
C SER C 53 3.52 -14.37 -13.79
N GLU C 54 2.56 -14.73 -14.63
CA GLU C 54 2.31 -13.97 -15.85
C GLU C 54 1.93 -12.53 -15.47
N PRO C 55 2.02 -11.60 -16.43
CA PRO C 55 1.71 -10.20 -16.10
C PRO C 55 0.37 -10.03 -15.38
N CYS C 56 0.38 -9.21 -14.33
CA CYS C 56 -0.80 -8.96 -13.51
C CYS C 56 -0.64 -7.58 -12.87
N ALA C 57 -1.69 -7.11 -12.23
CA ALA C 57 -1.64 -5.84 -11.50
C ALA C 57 -2.58 -5.86 -10.32
N LEU C 58 -2.14 -5.23 -9.24
CA LEU C 58 -2.96 -4.96 -8.07
C LEU C 58 -2.98 -3.45 -7.90
N CYS C 59 -4.16 -2.86 -7.85
CA CYS C 59 -4.29 -1.42 -7.91
C CYS C 59 -5.23 -0.95 -6.82
N SER C 60 -5.15 0.35 -6.52
N SER C 60 -5.14 0.35 -6.52
CA SER C 60 -6.14 0.97 -5.65
CA SER C 60 -6.04 1.04 -5.61
C SER C 60 -6.45 2.37 -6.10
C SER C 60 -6.46 2.36 -6.23
N LEU C 61 -7.73 2.73 -6.03
CA LEU C 61 -8.20 4.09 -6.28
C LEU C 61 -8.84 4.59 -5.00
N HIS C 62 -8.24 5.61 -4.41
CA HIS C 62 -8.82 6.34 -3.29
C HIS C 62 -9.43 7.62 -3.83
N SER C 63 -10.57 8.01 -3.30
CA SER C 63 -11.19 9.25 -3.75
C SER C 63 -12.09 9.76 -2.64
N ILE C 64 -12.15 11.08 -2.49
CA ILE C 64 -13.15 11.69 -1.62
C ILE C 64 -14.43 11.75 -2.43
N GLY C 65 -15.34 10.82 -2.18
CA GLY C 65 -16.52 10.67 -3.01
C GLY C 65 -16.19 10.10 -4.38
N LYS C 66 -17.21 10.13 -5.23
CA LYS C 66 -17.13 9.62 -6.61
C LYS C 66 -16.86 8.10 -6.65
N ILE C 67 -17.23 7.39 -5.59
CA ILE C 67 -17.07 5.94 -5.47
C ILE C 67 -18.46 5.35 -5.29
N GLY C 68 -18.77 4.32 -6.05
CA GLY C 68 -20.09 3.70 -5.93
C GLY C 68 -20.22 2.59 -6.94
N GLY C 69 -21.36 1.91 -6.91
CA GLY C 69 -21.54 0.73 -7.73
C GLY C 69 -21.27 0.96 -9.21
N ALA C 70 -22.04 1.85 -9.83
CA ALA C 70 -21.89 2.08 -11.26
C ALA C 70 -20.59 2.79 -11.57
N GLN C 71 -20.21 3.78 -10.75
CA GLN C 71 -18.96 4.49 -10.98
C GLN C 71 -17.78 3.53 -10.98
N ASN C 72 -17.75 2.60 -10.03
CA ASN C 72 -16.60 1.71 -9.93
C ASN C 72 -16.56 0.75 -11.11
N ARG C 73 -17.70 0.34 -11.63
CA ARG C 73 -17.69 -0.48 -12.84
C ARG C 73 -17.10 0.30 -14.01
N SER C 74 -17.46 1.58 -14.13
N SER C 74 -17.45 1.59 -14.12
CA SER C 74 -16.90 2.42 -15.18
CA SER C 74 -16.90 2.41 -15.19
C SER C 74 -15.40 2.61 -15.00
C SER C 74 -15.40 2.62 -15.01
N TYR C 75 -14.94 2.87 -13.77
CA TYR C 75 -13.51 3.01 -13.56
C TYR C 75 -12.77 1.74 -13.93
N SER C 76 -13.36 0.57 -13.62
CA SER C 76 -12.67 -0.68 -13.88
C SER C 76 -12.53 -0.92 -15.38
N LYS C 77 -13.57 -0.60 -16.14
CA LYS C 77 -13.47 -0.71 -17.59
C LYS C 77 -12.37 0.19 -18.12
N LEU C 78 -12.34 1.44 -17.65
CA LEU C 78 -11.35 2.39 -18.11
C LEU C 78 -9.94 1.93 -17.75
N LEU C 79 -9.73 1.57 -16.49
CA LEU C 79 -8.39 1.29 -16.01
C LEU C 79 -7.87 -0.05 -16.52
N CYS C 80 -8.72 -1.09 -16.56
CA CYS C 80 -8.31 -2.33 -17.20
C CYS C 80 -7.96 -2.11 -18.66
N GLY C 81 -8.72 -1.26 -19.35
CA GLY C 81 -8.39 -0.97 -20.74
C GLY C 81 -7.02 -0.36 -20.91
N LEU C 82 -6.68 0.61 -20.06
CA LEU C 82 -5.36 1.21 -20.10
C LEU C 82 -4.26 0.22 -19.75
N LEU C 83 -4.48 -0.60 -18.73
CA LEU C 83 -3.46 -1.58 -18.36
C LEU C 83 -3.23 -2.60 -19.46
N ALA C 84 -4.27 -2.95 -20.21
CA ALA C 84 -4.12 -3.88 -21.33
C ALA C 84 -3.36 -3.23 -22.48
N GLU C 85 -3.79 -2.04 -22.91
CA GLU C 85 -3.23 -1.43 -24.10
C GLU C 85 -1.83 -0.89 -23.86
N ARG C 86 -1.54 -0.43 -22.65
CA ARG C 86 -0.26 0.20 -22.36
C ARG C 86 0.71 -0.73 -21.66
N LEU C 87 0.26 -1.54 -20.70
CA LEU C 87 1.13 -2.43 -19.95
C LEU C 87 1.01 -3.88 -20.36
N ARG C 88 0.12 -4.21 -21.27
CA ARG C 88 0.01 -5.55 -21.85
C ARG C 88 -0.57 -6.57 -20.88
N ILE C 89 -1.33 -6.10 -19.88
CA ILE C 89 -1.86 -6.97 -18.84
C ILE C 89 -3.31 -7.34 -19.15
N SER C 90 -3.63 -8.62 -19.08
N SER C 90 -3.63 -8.62 -19.08
CA SER C 90 -5.01 -9.05 -19.30
CA SER C 90 -5.00 -9.06 -19.28
C SER C 90 -5.92 -8.55 -18.20
C SER C 90 -5.91 -8.50 -18.18
N PRO C 91 -7.10 -8.01 -18.55
CA PRO C 91 -8.03 -7.52 -17.50
C PRO C 91 -8.41 -8.54 -16.45
N ASP C 92 -8.40 -9.82 -16.79
CA ASP C 92 -8.73 -10.86 -15.80
C ASP C 92 -7.57 -11.18 -14.86
N ARG C 93 -6.47 -10.44 -14.96
CA ARG C 93 -5.35 -10.51 -14.03
C ARG C 93 -5.09 -9.18 -13.35
N VAL C 94 -6.16 -8.41 -13.16
CA VAL C 94 -6.13 -7.13 -12.48
C VAL C 94 -7.17 -7.13 -11.37
N TYR C 95 -6.77 -6.72 -10.16
CA TYR C 95 -7.71 -6.31 -9.13
C TYR C 95 -7.51 -4.83 -8.85
N ILE C 96 -8.62 -4.13 -8.60
CA ILE C 96 -8.60 -2.71 -8.21
C ILE C 96 -9.46 -2.55 -6.97
N ASN C 97 -8.87 -2.08 -5.87
CA ASN C 97 -9.66 -1.78 -4.68
C ASN C 97 -10.06 -0.31 -4.72
N TYR C 98 -11.33 -0.03 -4.47
CA TYR C 98 -11.90 1.31 -4.45
C TYR C 98 -12.17 1.73 -3.01
N TYR C 99 -11.70 2.92 -2.64
CA TYR C 99 -11.83 3.44 -1.29
C TYR C 99 -12.44 4.82 -1.32
N ASP C 100 -13.62 4.97 -0.72
CA ASP C 100 -14.27 6.26 -0.54
C ASP C 100 -13.77 6.85 0.76
N MET C 101 -12.94 7.87 0.68
CA MET C 101 -12.32 8.46 1.85
C MET C 101 -13.19 9.59 2.39
N ASN C 102 -13.32 9.63 3.71
CA ASN C 102 -13.88 10.82 4.35
C ASN C 102 -12.88 11.97 4.22
N ALA C 103 -13.40 13.17 3.93
CA ALA C 103 -12.52 14.31 3.73
C ALA C 103 -11.66 14.60 4.96
N ALA C 104 -12.17 14.32 6.16
CA ALA C 104 -11.41 14.56 7.37
C ALA C 104 -10.23 13.59 7.53
N ASN C 105 -10.21 12.52 6.75
CA ASN C 105 -9.17 11.51 6.80
C ASN C 105 -8.19 11.63 5.63
N VAL C 106 -8.21 12.75 4.91
CA VAL C 106 -7.24 13.00 3.84
C VAL C 106 -6.50 14.29 4.18
N GLY C 107 -5.22 14.15 4.48
CA GLY C 107 -4.35 15.28 4.73
C GLY C 107 -3.69 15.79 3.46
N TRP C 108 -3.46 17.10 3.44
CA TRP C 108 -2.83 17.78 2.32
C TRP C 108 -2.37 19.14 2.84
N ASN C 109 -1.14 19.53 2.54
CA ASN C 109 -0.71 20.90 2.74
C ASN C 109 -1.07 21.43 4.13
N ASN C 110 -0.63 20.69 5.15
CA ASN C 110 -0.70 21.16 6.54
C ASN C 110 -2.12 21.21 7.08
N SER C 111 -3.05 20.49 6.47
CA SER C 111 -4.41 20.44 6.96
C SER C 111 -5.07 19.17 6.43
N THR C 112 -6.40 19.13 6.48
CA THR C 112 -7.17 18.07 5.85
C THR C 112 -8.25 18.75 5.03
N PHE C 113 -9.00 17.95 4.28
CA PHE C 113 -10.07 18.46 3.45
C PHE C 113 -11.42 18.56 4.16
N ALA C 114 -11.47 18.32 5.46
CA ALA C 114 -12.72 18.48 6.21
C ALA C 114 -13.17 19.93 6.19
#